data_6YHR
#
_entry.id   6YHR
#
_cell.length_a   54.595
_cell.length_b   90.627
_cell.length_c   138.233
_cell.angle_alpha   90.000
_cell.angle_beta   90.000
_cell.angle_gamma   90.000
#
_symmetry.space_group_name_H-M   'P 21 21 21'
#
loop_
_entity.id
_entity.type
_entity.pdbx_description
1 polymer 'Werner syndrome ATP-dependent helicase'
2 non-polymer "ADENOSINE-5'-DIPHOSPHATE"
3 non-polymer 'ZINC ION'
4 water water
#
_entity_poly.entity_id   1
_entity_poly.type   'polypeptide(L)'
_entity_poly.pdbx_seq_one_letter_code
;MNEGEEDDDKDFLWPAPNEEQVTCLKMYFGHSSFKPVQWKVIHSVLEERRDNVAVMATGYGKSLCFQYPPVYVGKIGLVI
SPLISLMEDQVLQLKMSNIPACFLGSAQSENVLTDIKLGKYRIVYVTPEYCSGNMGLLQQLEADIGITLIAVDEAHCISE
WGHDFRDSFRKLGSLKTALPMVPIVALTATASSSIREDIVRCLNLRNPQITCTGFDRPNLYLEVRRKTGNILQDLQPFLV
KTSSHWEFEGPTIIYCPSRKMTQQVTGELRKLNLSCGTYHAGMSFSTRKDIHHRFVRDEIQCVIATIAFGMGINKADIRQ
VIHYGAPKDMESYYQEIGRAGRDGLQSSCHVLWAPADINLNRHLLTEIRNEKFRLYKLKMMAKMEKYLHSSRCRRQIILS
HFEDKQVQKASLGIMGTEKCCDNCRSRLDHCYSMDDSEDTSWDFGPQAFKLLSAVDILGEKFGIGLPILFLRGSNSQRLA
DQYRRHSLFGTGKDQTESWWKAFSRQLITEGFLVEVSRYNKFMKICALTKKGRNWLHKANTESQSLILQANEELCPKKFL
LPSSKTVSSGTKEHCYNQAENLYFQ
;
_entity_poly.pdbx_strand_id   A
#
loop_
_chem_comp.id
_chem_comp.type
_chem_comp.name
_chem_comp.formula
ADP non-polymer ADENOSINE-5'-DIPHOSPHATE 'C10 H15 N5 O10 P2'
ZN non-polymer 'ZINC ION' 'Zn 2'
#
# COMPACT_ATOMS: atom_id res chain seq x y z
N LEU A 13 -6.14 19.75 -22.36
CA LEU A 13 -7.09 19.09 -21.47
C LEU A 13 -8.09 18.26 -22.28
N TRP A 14 -8.05 16.95 -22.06
CA TRP A 14 -8.92 16.01 -22.75
C TRP A 14 -10.37 16.20 -22.34
N PRO A 15 -11.31 15.78 -23.18
CA PRO A 15 -12.72 15.99 -22.87
C PRO A 15 -13.25 14.98 -21.87
N ALA A 16 -14.34 15.35 -21.22
CA ALA A 16 -15.05 14.42 -20.35
C ALA A 16 -15.67 13.31 -21.20
N PRO A 17 -15.87 12.12 -20.63
CA PRO A 17 -16.52 11.06 -21.39
C PRO A 17 -17.97 11.40 -21.69
N ASN A 18 -18.49 10.79 -22.75
CA ASN A 18 -19.89 10.98 -23.11
C ASN A 18 -20.77 9.99 -22.36
N GLU A 19 -22.09 10.19 -22.47
CA GLU A 19 -23.03 9.37 -21.71
C GLU A 19 -22.97 7.90 -22.14
N GLU A 20 -22.76 7.64 -23.43
CA GLU A 20 -22.68 6.26 -23.90
C GLU A 20 -21.46 5.56 -23.32
N GLN A 21 -20.34 6.29 -23.20
CA GLN A 21 -19.14 5.73 -22.60
C GLN A 21 -19.36 5.42 -21.11
N VAL A 22 -19.98 6.36 -20.39
CA VAL A 22 -20.27 6.14 -18.97
C VAL A 22 -21.25 4.99 -18.79
N THR A 23 -22.27 4.91 -19.65
CA THR A 23 -23.24 3.83 -19.56
C THR A 23 -22.58 2.48 -19.75
N CYS A 24 -21.69 2.37 -20.73
CA CYS A 24 -20.96 1.12 -20.94
C CYS A 24 -20.16 0.74 -19.71
N LEU A 25 -19.55 1.73 -19.05
CA LEU A 25 -18.74 1.45 -17.86
C LEU A 25 -19.59 0.93 -16.71
N LYS A 26 -20.80 1.47 -16.54
CA LYS A 26 -21.67 1.03 -15.46
C LYS A 26 -22.18 -0.38 -15.71
N MET A 27 -22.55 -0.69 -16.95
CA MET A 27 -23.21 -1.96 -17.24
C MET A 27 -22.24 -3.13 -17.15
N TYR A 28 -21.02 -2.96 -17.67
CA TYR A 28 -20.07 -4.07 -17.75
C TYR A 28 -19.06 -4.12 -16.62
N PHE A 29 -18.69 -2.97 -16.05
CA PHE A 29 -17.66 -2.94 -15.01
C PHE A 29 -18.19 -2.47 -13.66
N GLY A 30 -19.44 -2.04 -13.57
CA GLY A 30 -20.03 -1.68 -12.30
C GLY A 30 -19.51 -0.41 -11.67
N HIS A 31 -18.70 0.37 -12.39
CA HIS A 31 -18.19 1.64 -11.89
C HIS A 31 -19.04 2.78 -12.44
N SER A 32 -19.33 3.75 -11.57
CA SER A 32 -20.14 4.90 -11.96
C SER A 32 -19.32 6.04 -12.54
N SER A 33 -17.99 5.94 -12.51
CA SER A 33 -17.14 7.00 -13.05
C SER A 33 -15.74 6.45 -13.27
N PHE A 34 -15.04 7.03 -14.24
CA PHE A 34 -13.63 6.73 -14.45
C PHE A 34 -12.79 7.45 -13.41
N LYS A 35 -11.71 6.80 -12.99
CA LYS A 35 -10.68 7.52 -12.26
C LYS A 35 -9.89 8.40 -13.23
N PRO A 36 -9.31 9.51 -12.75
CA PRO A 36 -8.71 10.49 -13.69
C PRO A 36 -7.68 9.90 -14.65
N VAL A 37 -6.68 9.18 -14.14
CA VAL A 37 -5.65 8.65 -15.02
C VAL A 37 -6.19 7.53 -15.89
N GLN A 38 -7.16 6.76 -15.38
CA GLN A 38 -7.84 5.78 -16.22
C GLN A 38 -8.40 6.43 -17.48
N TRP A 39 -9.06 7.57 -17.33
CA TRP A 39 -9.67 8.23 -18.48
C TRP A 39 -8.64 8.86 -19.38
N LYS A 40 -7.56 9.42 -18.80
CA LYS A 40 -6.40 9.85 -19.56
C LYS A 40 -6.00 8.81 -20.60
N VAL A 41 -5.75 7.59 -20.11
CA VAL A 41 -5.28 6.52 -20.97
C VAL A 41 -6.38 6.04 -21.90
N ILE A 42 -7.59 5.86 -21.38
CA ILE A 42 -8.67 5.30 -22.19
C ILE A 42 -9.01 6.23 -23.35
N HIS A 43 -9.16 7.52 -23.08
CA HIS A 43 -9.47 8.46 -24.16
C HIS A 43 -8.35 8.50 -25.19
N SER A 44 -7.10 8.49 -24.73
CA SER A 44 -5.97 8.53 -25.66
C SER A 44 -5.92 7.30 -26.53
N VAL A 45 -6.17 6.13 -25.96
CA VAL A 45 -6.10 4.89 -26.74
C VAL A 45 -7.36 4.69 -27.57
N LEU A 46 -8.53 4.90 -26.95
CA LEU A 46 -9.78 4.64 -27.65
C LEU A 46 -10.06 5.68 -28.72
N GLU A 47 -9.99 6.97 -28.35
CA GLU A 47 -10.44 8.01 -29.28
C GLU A 47 -9.31 8.61 -30.09
N GLU A 48 -8.10 8.72 -29.54
CA GLU A 48 -6.98 9.28 -30.26
C GLU A 48 -6.05 8.22 -30.86
N ARG A 49 -6.25 6.95 -30.54
CA ARG A 49 -5.50 5.84 -31.14
C ARG A 49 -4.00 6.03 -30.96
N ARG A 50 -3.59 6.43 -29.76
CA ARG A 50 -2.22 6.81 -29.49
C ARG A 50 -1.57 5.79 -28.55
N ASP A 51 -0.29 5.51 -28.79
CA ASP A 51 0.47 4.65 -27.90
C ASP A 51 0.53 5.27 -26.50
N ASN A 52 0.61 4.40 -25.50
CA ASN A 52 0.59 4.85 -24.11
C ASN A 52 1.58 4.06 -23.28
N VAL A 53 2.24 4.76 -22.36
CA VAL A 53 2.97 4.14 -21.26
C VAL A 53 2.36 4.67 -19.97
N ALA A 54 1.77 3.77 -19.20
CA ALA A 54 1.00 4.14 -18.01
C ALA A 54 1.62 3.51 -16.77
N VAL A 55 1.87 4.33 -15.76
CA VAL A 55 2.40 3.90 -14.48
C VAL A 55 1.32 4.14 -13.44
N MET A 56 0.74 3.07 -12.93
CA MET A 56 -0.42 3.16 -12.05
C MET A 56 -0.08 2.53 -10.71
N ALA A 57 -0.46 3.22 -9.63
CA ALA A 57 -0.22 2.71 -8.28
C ALA A 57 -1.00 1.42 -8.04
N THR A 58 -0.66 0.74 -6.95
CA THR A 58 -1.39 -0.46 -6.57
C THR A 58 -2.82 -0.10 -6.22
N GLY A 59 -3.76 -0.87 -6.77
CA GLY A 59 -5.16 -0.66 -6.48
C GLY A 59 -5.80 0.54 -7.14
N TYR A 60 -5.19 1.08 -8.20
CA TYR A 60 -5.78 2.22 -8.88
C TYR A 60 -6.83 1.76 -9.88
N GLY A 61 -6.52 0.76 -10.70
CA GLY A 61 -7.43 0.29 -11.72
C GLY A 61 -6.73 0.13 -13.05
N LYS A 62 -5.61 -0.58 -13.04
CA LYS A 62 -4.79 -0.72 -14.25
C LYS A 62 -5.53 -1.50 -15.33
N SER A 63 -6.22 -2.57 -14.96
CA SER A 63 -6.81 -3.47 -15.95
C SER A 63 -7.93 -2.78 -16.74
N LEU A 64 -8.63 -1.81 -16.15
CA LEU A 64 -9.69 -1.12 -16.87
C LEU A 64 -9.15 -0.40 -18.10
N CYS A 65 -7.89 0.01 -18.07
CA CYS A 65 -7.33 0.78 -19.17
C CYS A 65 -7.30 -0.01 -20.47
N PHE A 66 -7.13 -1.33 -20.39
CA PHE A 66 -7.09 -2.15 -21.61
C PHE A 66 -8.30 -3.06 -21.76
N GLN A 67 -9.09 -3.26 -20.72
CA GLN A 67 -10.30 -4.07 -20.86
C GLN A 67 -11.46 -3.25 -21.41
N TYR A 68 -11.57 -1.99 -21.00
CA TYR A 68 -12.74 -1.19 -21.36
C TYR A 68 -12.83 -0.87 -22.85
N PRO A 69 -11.78 -0.37 -23.51
CA PRO A 69 -11.93 0.09 -24.91
C PRO A 69 -12.44 -1.00 -25.85
N PRO A 70 -11.90 -2.22 -25.80
CA PRO A 70 -12.46 -3.25 -26.71
C PRO A 70 -13.90 -3.63 -26.38
N VAL A 71 -14.33 -3.46 -25.13
CA VAL A 71 -15.72 -3.73 -24.78
C VAL A 71 -16.63 -2.63 -25.31
N TYR A 72 -16.18 -1.38 -25.26
CA TYR A 72 -17.03 -0.27 -25.66
C TYR A 72 -17.34 -0.30 -27.16
N VAL A 73 -16.35 -0.68 -27.99
CA VAL A 73 -16.53 -0.69 -29.43
C VAL A 73 -16.85 -2.07 -29.98
N GLY A 74 -16.87 -3.10 -29.12
CA GLY A 74 -17.26 -4.42 -29.56
C GLY A 74 -16.27 -5.09 -30.50
N LYS A 75 -14.98 -4.84 -30.32
CA LYS A 75 -13.97 -5.49 -31.15
C LYS A 75 -13.06 -6.34 -30.27
N ILE A 76 -11.78 -6.46 -30.65
CA ILE A 76 -10.84 -7.34 -29.97
C ILE A 76 -9.74 -6.50 -29.33
N GLY A 77 -9.37 -6.87 -28.10
CA GLY A 77 -8.21 -6.31 -27.44
C GLY A 77 -7.23 -7.41 -27.06
N LEU A 78 -5.96 -7.23 -27.39
CA LEU A 78 -4.93 -8.25 -27.19
C LEU A 78 -4.09 -7.89 -25.98
N VAL A 79 -4.03 -8.79 -25.00
CA VAL A 79 -3.28 -8.59 -23.77
C VAL A 79 -2.13 -9.58 -23.76
N ILE A 80 -0.90 -9.07 -23.78
CA ILE A 80 0.30 -9.89 -23.75
C ILE A 80 0.86 -9.88 -22.34
N SER A 81 1.00 -11.07 -21.75
CA SER A 81 1.52 -11.20 -20.40
C SER A 81 2.21 -12.56 -20.28
N PRO A 82 3.24 -12.66 -19.44
CA PRO A 82 3.84 -13.97 -19.16
C PRO A 82 3.19 -14.71 -17.99
N LEU A 83 2.33 -14.05 -17.22
CA LEU A 83 1.73 -14.63 -16.04
C LEU A 83 0.47 -15.40 -16.46
N ILE A 84 0.64 -16.68 -16.77
CA ILE A 84 -0.46 -17.48 -17.29
C ILE A 84 -1.56 -17.63 -16.25
N SER A 85 -1.19 -17.83 -14.98
CA SER A 85 -2.19 -17.97 -13.94
C SER A 85 -2.97 -16.68 -13.73
N LEU A 86 -2.31 -15.53 -13.85
CA LEU A 86 -3.01 -14.26 -13.71
C LEU A 86 -3.96 -14.01 -14.86
N MET A 87 -3.56 -14.41 -16.08
CA MET A 87 -4.46 -14.27 -17.23
C MET A 87 -5.68 -15.17 -17.08
N GLU A 88 -5.50 -16.36 -16.51
CA GLU A 88 -6.64 -17.22 -16.24
C GLU A 88 -7.59 -16.57 -15.24
N ASP A 89 -7.03 -15.96 -14.19
CA ASP A 89 -7.87 -15.33 -13.17
C ASP A 89 -8.68 -14.18 -13.75
N GLN A 90 -8.06 -13.38 -14.62
CA GLN A 90 -8.77 -12.23 -15.17
C GLN A 90 -9.85 -12.65 -16.16
N VAL A 91 -9.64 -13.76 -16.88
CA VAL A 91 -10.67 -14.28 -17.77
C VAL A 91 -11.92 -14.62 -16.98
N LEU A 92 -11.75 -15.33 -15.86
CA LEU A 92 -12.89 -15.66 -15.01
C LEU A 92 -13.60 -14.41 -14.51
N GLN A 93 -12.82 -13.42 -14.07
CA GLN A 93 -13.42 -12.19 -13.56
C GLN A 93 -14.19 -11.45 -14.65
N LEU A 94 -13.70 -11.51 -15.89
CA LEU A 94 -14.41 -10.86 -16.99
C LEU A 94 -15.71 -11.55 -17.32
N LYS A 95 -15.69 -12.89 -17.38
CA LYS A 95 -16.93 -13.63 -17.68
C LYS A 95 -17.98 -13.40 -16.60
N MET A 96 -17.55 -13.18 -15.36
CA MET A 96 -18.50 -12.86 -14.29
C MET A 96 -19.01 -11.43 -14.36
N SER A 97 -18.49 -10.63 -15.29
CA SER A 97 -19.05 -9.32 -15.61
C SER A 97 -19.73 -9.32 -16.97
N ASN A 98 -20.06 -10.50 -17.50
CA ASN A 98 -20.73 -10.66 -18.79
C ASN A 98 -19.87 -10.16 -19.95
N ILE A 99 -18.57 -10.30 -19.83
CA ILE A 99 -17.63 -9.89 -20.86
C ILE A 99 -16.91 -11.13 -21.40
N PRO A 100 -17.11 -11.50 -22.66
CA PRO A 100 -16.46 -12.71 -23.18
C PRO A 100 -14.97 -12.48 -23.38
N ALA A 101 -14.17 -13.37 -22.78
CA ALA A 101 -12.72 -13.31 -22.89
C ALA A 101 -12.17 -14.73 -22.81
N CYS A 102 -10.94 -14.90 -23.28
CA CYS A 102 -10.32 -16.21 -23.30
C CYS A 102 -8.81 -16.07 -23.33
N PHE A 103 -8.13 -17.11 -22.88
CA PHE A 103 -6.68 -17.23 -22.97
C PHE A 103 -6.35 -18.07 -24.19
N LEU A 104 -5.54 -17.51 -25.09
CA LEU A 104 -5.17 -18.17 -26.33
C LEU A 104 -3.77 -18.74 -26.21
N GLY A 105 -3.63 -20.05 -26.41
CA GLY A 105 -2.34 -20.71 -26.38
C GLY A 105 -2.34 -21.87 -27.36
N SER A 106 -1.18 -22.52 -27.47
CA SER A 106 -1.05 -23.64 -28.38
C SER A 106 -1.97 -24.80 -28.00
N ALA A 107 -2.26 -24.96 -26.71
CA ALA A 107 -3.08 -26.05 -26.23
C ALA A 107 -4.57 -25.85 -26.53
N GLN A 108 -4.96 -24.68 -27.02
CA GLN A 108 -6.37 -24.38 -27.22
C GLN A 108 -6.91 -25.05 -28.47
N SER A 109 -8.20 -25.36 -28.44
CA SER A 109 -8.87 -25.95 -29.59
C SER A 109 -8.98 -24.94 -30.72
N GLU A 110 -9.21 -25.46 -31.93
CA GLU A 110 -9.49 -24.58 -33.06
C GLU A 110 -10.85 -23.90 -32.94
N ASN A 111 -11.78 -24.53 -32.22
CA ASN A 111 -13.09 -23.91 -32.00
C ASN A 111 -12.96 -22.59 -31.25
N VAL A 112 -12.09 -22.54 -30.24
CA VAL A 112 -11.79 -21.28 -29.58
C VAL A 112 -11.14 -20.31 -30.56
N LEU A 113 -10.22 -20.81 -31.38
CA LEU A 113 -9.53 -19.94 -32.34
C LEU A 113 -10.49 -19.47 -33.43
N THR A 114 -11.42 -20.33 -33.87
CA THR A 114 -12.39 -19.89 -34.86
C THR A 114 -13.42 -18.94 -34.25
N ASP A 115 -13.77 -19.12 -32.98
CA ASP A 115 -14.63 -18.15 -32.33
C ASP A 115 -13.93 -16.80 -32.18
N ILE A 116 -12.61 -16.81 -32.00
CA ILE A 116 -11.85 -15.56 -31.97
C ILE A 116 -11.89 -14.88 -33.33
N LYS A 117 -11.72 -15.66 -34.41
CA LYS A 117 -11.77 -15.10 -35.76
C LYS A 117 -13.15 -14.54 -36.10
N LEU A 118 -14.20 -15.03 -35.45
CA LEU A 118 -15.55 -14.54 -35.68
C LEU A 118 -15.93 -13.39 -34.76
N GLY A 119 -15.03 -12.97 -33.87
CA GLY A 119 -15.30 -11.84 -33.00
C GLY A 119 -16.11 -12.17 -31.76
N LYS A 120 -16.06 -13.41 -31.28
CA LYS A 120 -16.86 -13.78 -30.12
C LYS A 120 -16.26 -13.33 -28.81
N TYR A 121 -14.99 -12.93 -28.80
CA TYR A 121 -14.29 -12.55 -27.57
C TYR A 121 -13.79 -11.12 -27.68
N ARG A 122 -14.03 -10.34 -26.63
CA ARG A 122 -13.57 -8.96 -26.59
C ARG A 122 -12.11 -8.85 -26.20
N ILE A 123 -11.63 -9.73 -25.33
CA ILE A 123 -10.28 -9.66 -24.79
C ILE A 123 -9.62 -11.03 -24.94
N VAL A 124 -8.45 -11.06 -25.57
CA VAL A 124 -7.70 -12.29 -25.82
C VAL A 124 -6.36 -12.18 -25.12
N TYR A 125 -6.07 -13.12 -24.23
CA TYR A 125 -4.82 -13.15 -23.49
C TYR A 125 -3.86 -14.14 -24.15
N VAL A 126 -2.62 -13.70 -24.37
CA VAL A 126 -1.57 -14.54 -24.94
C VAL A 126 -0.26 -14.27 -24.21
N THR A 127 0.65 -15.24 -24.32
CA THR A 127 2.01 -15.05 -23.82
C THR A 127 2.86 -14.38 -24.89
N PRO A 128 3.98 -13.77 -24.50
CA PRO A 128 4.88 -13.20 -25.51
C PRO A 128 5.36 -14.21 -26.53
N GLU A 129 5.55 -15.48 -26.12
CA GLU A 129 6.03 -16.49 -27.05
C GLU A 129 5.00 -16.76 -28.15
N TYR A 130 3.74 -16.98 -27.77
CA TYR A 130 2.70 -17.23 -28.75
C TYR A 130 2.53 -16.05 -29.69
N CYS A 131 2.74 -14.82 -29.20
CA CYS A 131 2.52 -13.64 -30.03
C CYS A 131 3.60 -13.52 -31.11
N SER A 132 4.85 -13.80 -30.75
CA SER A 132 5.94 -13.68 -31.72
C SER A 132 5.78 -14.70 -32.85
N GLY A 133 5.21 -15.87 -32.55
CA GLY A 133 5.11 -16.92 -33.56
C GLY A 133 3.92 -16.80 -34.47
N ASN A 134 2.93 -15.99 -34.12
CA ASN A 134 1.67 -15.92 -34.85
C ASN A 134 1.34 -14.46 -35.20
N MET A 135 2.25 -13.79 -35.88
CA MET A 135 1.98 -12.43 -36.33
C MET A 135 0.99 -12.41 -37.48
N GLY A 136 0.93 -13.49 -38.27
CA GLY A 136 -0.04 -13.56 -39.34
C GLY A 136 -1.47 -13.65 -38.83
N LEU A 137 -1.68 -14.39 -37.75
CA LEU A 137 -3.00 -14.46 -37.12
C LEU A 137 -3.45 -13.08 -36.65
N LEU A 138 -2.52 -12.32 -36.06
CA LEU A 138 -2.86 -10.98 -35.58
C LEU A 138 -3.32 -10.08 -36.73
N GLN A 139 -2.67 -10.18 -37.88
CA GLN A 139 -3.06 -9.36 -39.03
C GLN A 139 -4.42 -9.78 -39.57
N GLN A 140 -4.76 -11.06 -39.49
CA GLN A 140 -6.08 -11.51 -39.94
C GLN A 140 -7.18 -10.97 -39.04
N LEU A 141 -6.97 -11.00 -37.72
CA LEU A 141 -7.94 -10.43 -36.78
C LEU A 141 -8.10 -8.93 -37.01
N GLU A 142 -7.01 -8.25 -37.36
CA GLU A 142 -7.08 -6.82 -37.61
C GLU A 142 -7.87 -6.50 -38.86
N ALA A 143 -7.73 -7.31 -39.91
CA ALA A 143 -8.45 -7.06 -41.14
C ALA A 143 -9.93 -7.41 -41.00
N ASP A 144 -10.24 -8.53 -40.34
CA ASP A 144 -11.61 -9.01 -40.31
C ASP A 144 -12.43 -8.38 -39.19
N ILE A 145 -11.81 -8.15 -38.03
CA ILE A 145 -12.49 -7.65 -36.85
C ILE A 145 -11.99 -6.26 -36.44
N GLY A 146 -10.66 -6.10 -36.37
CA GLY A 146 -10.08 -4.86 -35.89
C GLY A 146 -9.64 -4.97 -34.45
N ILE A 147 -8.34 -4.76 -34.21
CA ILE A 147 -7.78 -4.82 -32.87
C ILE A 147 -7.81 -3.43 -32.27
N THR A 148 -8.57 -3.26 -31.20
CA THR A 148 -8.68 -1.94 -30.58
C THR A 148 -7.35 -1.50 -29.97
N LEU A 149 -6.68 -2.41 -29.27
CA LEU A 149 -5.40 -2.09 -28.62
C LEU A 149 -4.62 -3.36 -28.38
N ILE A 150 -3.33 -3.19 -28.11
CA ILE A 150 -2.46 -4.26 -27.63
C ILE A 150 -1.89 -3.81 -26.30
N ALA A 151 -2.20 -4.56 -25.24
CA ALA A 151 -1.70 -4.26 -23.90
C ALA A 151 -0.48 -5.13 -23.62
N VAL A 152 0.59 -4.50 -23.16
CA VAL A 152 1.81 -5.21 -22.74
C VAL A 152 1.98 -4.93 -21.26
N ASP A 153 1.39 -5.79 -20.43
CA ASP A 153 1.62 -5.70 -19.00
C ASP A 153 3.01 -6.24 -18.67
N GLU A 154 3.52 -5.85 -17.50
CA GLU A 154 4.91 -6.15 -17.11
C GLU A 154 5.89 -5.70 -18.18
N ALA A 155 5.62 -4.52 -18.77
CA ALA A 155 6.43 -4.03 -19.87
C ALA A 155 7.87 -3.74 -19.47
N HIS A 156 8.13 -3.56 -18.17
CA HIS A 156 9.50 -3.37 -17.70
C HIS A 156 10.38 -4.59 -17.97
N CYS A 157 9.78 -5.76 -18.23
CA CYS A 157 10.52 -6.95 -18.59
C CYS A 157 11.21 -6.84 -19.95
N ILE A 158 11.01 -5.73 -20.66
CA ILE A 158 11.51 -5.61 -22.03
C ILE A 158 13.02 -5.34 -22.07
N SER A 159 13.61 -4.83 -20.99
CA SER A 159 15.02 -4.49 -20.99
C SER A 159 15.66 -4.90 -19.67
N GLU A 160 16.96 -4.67 -19.56
CA GLU A 160 17.73 -5.18 -18.43
C GLU A 160 17.46 -4.38 -17.15
N TRP A 161 17.49 -3.06 -17.25
CA TRP A 161 17.48 -2.18 -16.07
C TRP A 161 16.19 -2.25 -15.25
N GLY A 162 15.28 -3.18 -15.53
CA GLY A 162 14.16 -3.44 -14.66
C GLY A 162 14.51 -4.51 -13.63
N HIS A 163 13.53 -4.77 -12.75
CA HIS A 163 13.73 -5.75 -11.69
C HIS A 163 13.47 -7.18 -12.14
N ASP A 164 13.19 -7.40 -13.42
CA ASP A 164 12.86 -8.73 -13.92
C ASP A 164 12.86 -8.75 -15.45
N PHE A 165 13.99 -9.09 -16.06
CA PHE A 165 14.10 -9.09 -17.51
C PHE A 165 13.71 -10.44 -18.10
N ARG A 166 13.08 -10.40 -19.28
CA ARG A 166 12.71 -11.59 -20.03
C ARG A 166 13.08 -11.38 -21.49
N ASP A 167 13.57 -12.45 -22.12
CA ASP A 167 13.95 -12.37 -23.54
C ASP A 167 12.76 -12.50 -24.48
N SER A 168 11.67 -13.14 -24.03
CA SER A 168 10.50 -13.30 -24.88
C SER A 168 9.88 -11.96 -25.28
N PHE A 169 10.20 -10.89 -24.56
CA PHE A 169 9.61 -9.59 -24.85
C PHE A 169 10.33 -8.86 -25.98
N ARG A 170 11.61 -9.19 -26.22
CA ARG A 170 12.39 -8.46 -27.21
C ARG A 170 11.82 -8.60 -28.62
N LYS A 171 11.08 -9.67 -28.90
CA LYS A 171 10.49 -9.87 -30.21
C LYS A 171 9.12 -9.22 -30.36
N LEU A 172 8.68 -8.46 -29.35
CA LEU A 172 7.46 -7.66 -29.48
C LEU A 172 7.69 -6.39 -30.29
N GLY A 173 8.93 -6.11 -30.69
CA GLY A 173 9.23 -4.97 -31.52
C GLY A 173 8.69 -5.08 -32.94
N SER A 174 8.26 -6.26 -33.36
CA SER A 174 7.66 -6.44 -34.67
C SER A 174 6.17 -6.14 -34.67
N LEU A 175 5.55 -5.96 -33.51
CA LEU A 175 4.13 -5.66 -33.44
C LEU A 175 3.80 -4.37 -34.19
N LYS A 176 4.57 -3.32 -33.95
CA LYS A 176 4.33 -2.04 -34.62
C LYS A 176 4.58 -2.16 -36.12
N THR A 177 5.51 -3.03 -36.54
CA THR A 177 5.76 -3.21 -37.96
C THR A 177 4.59 -3.91 -38.64
N ALA A 178 4.13 -5.02 -38.07
CA ALA A 178 3.03 -5.77 -38.66
C ALA A 178 1.68 -5.09 -38.44
N LEU A 179 1.57 -4.22 -37.44
CA LEU A 179 0.32 -3.56 -37.09
C LEU A 179 0.60 -2.10 -36.74
N PRO A 180 0.90 -1.27 -37.74
CA PRO A 180 1.23 0.13 -37.46
C PRO A 180 0.04 1.00 -37.11
N MET A 181 -1.18 0.52 -37.29
CA MET A 181 -2.37 1.28 -36.94
C MET A 181 -2.93 0.94 -35.57
N VAL A 182 -2.39 -0.07 -34.90
CA VAL A 182 -2.89 -0.53 -33.62
C VAL A 182 -2.09 0.14 -32.51
N PRO A 183 -2.72 0.89 -31.61
CA PRO A 183 -1.99 1.47 -30.49
C PRO A 183 -1.63 0.44 -29.44
N ILE A 184 -0.50 0.66 -28.79
CA ILE A 184 0.01 -0.22 -27.74
C ILE A 184 -0.01 0.53 -26.42
N VAL A 185 -0.49 -0.12 -25.37
CA VAL A 185 -0.47 0.42 -24.01
C VAL A 185 0.43 -0.47 -23.16
N ALA A 186 1.52 0.12 -22.67
CA ALA A 186 2.49 -0.60 -21.85
C ALA A 186 2.36 -0.15 -20.41
N LEU A 187 2.21 -1.11 -19.50
CA LEU A 187 2.07 -0.86 -18.07
C LEU A 187 3.36 -1.27 -17.37
N THR A 188 3.92 -0.35 -16.58
CA THR A 188 5.15 -0.63 -15.85
C THR A 188 4.99 -0.16 -14.41
N ALA A 189 5.94 -0.59 -13.56
CA ALA A 189 5.77 -0.44 -12.12
C ALA A 189 6.21 0.92 -11.61
N THR A 190 7.32 1.45 -12.11
CA THR A 190 7.87 2.71 -11.63
C THR A 190 7.92 3.74 -12.75
N ALA A 191 8.02 5.00 -12.35
CA ALA A 191 8.19 6.12 -13.27
C ALA A 191 9.64 6.32 -13.69
N SER A 192 10.45 5.27 -13.63
CA SER A 192 11.86 5.37 -13.99
C SER A 192 12.01 5.82 -15.44
N SER A 193 12.74 6.91 -15.64
CA SER A 193 12.97 7.41 -16.99
C SER A 193 13.72 6.39 -17.84
N SER A 194 14.72 5.73 -17.24
CA SER A 194 15.53 4.78 -18.00
C SER A 194 14.71 3.58 -18.44
N ILE A 195 13.80 3.10 -17.57
CA ILE A 195 12.96 1.98 -17.95
C ILE A 195 11.97 2.39 -19.03
N ARG A 196 11.35 3.57 -18.88
CA ARG A 196 10.41 4.06 -19.90
C ARG A 196 11.10 4.21 -21.25
N GLU A 197 12.34 4.72 -21.26
CA GLU A 197 13.08 4.85 -22.51
C GLU A 197 13.21 3.51 -23.22
N ASP A 198 13.54 2.46 -22.48
CA ASP A 198 13.74 1.15 -23.08
C ASP A 198 12.43 0.57 -23.60
N ILE A 199 11.33 0.82 -22.90
CA ILE A 199 10.02 0.32 -23.34
C ILE A 199 9.65 0.97 -24.68
N VAL A 200 9.83 2.28 -24.79
CA VAL A 200 9.47 2.99 -26.01
C VAL A 200 10.31 2.51 -27.19
N ARG A 201 11.62 2.37 -26.98
CA ARG A 201 12.51 2.01 -28.07
C ARG A 201 12.30 0.57 -28.51
N CYS A 202 12.07 -0.34 -27.55
CA CYS A 202 11.95 -1.76 -27.89
C CYS A 202 10.56 -2.11 -28.42
N LEU A 203 9.52 -1.41 -27.97
CA LEU A 203 8.18 -1.62 -28.50
C LEU A 203 7.89 -0.75 -29.72
N ASN A 204 8.79 0.18 -30.06
CA ASN A 204 8.63 1.06 -31.21
C ASN A 204 7.39 1.94 -31.07
N LEU A 205 7.17 2.47 -29.87
CA LEU A 205 6.06 3.39 -29.65
C LEU A 205 6.37 4.74 -30.29
N ARG A 206 5.35 5.34 -30.88
CA ARG A 206 5.49 6.62 -31.59
C ARG A 206 4.88 7.72 -30.73
N ASN A 207 5.76 8.57 -30.16
CA ASN A 207 5.40 9.71 -29.33
C ASN A 207 4.24 9.35 -28.37
N PRO A 208 4.46 8.39 -27.48
CA PRO A 208 3.34 7.91 -26.65
C PRO A 208 3.02 8.87 -25.52
N GLN A 209 1.78 8.81 -25.06
CA GLN A 209 1.40 9.55 -23.87
C GLN A 209 1.99 8.87 -22.65
N ILE A 210 2.59 9.66 -21.77
CA ILE A 210 3.23 9.16 -20.56
C ILE A 210 2.40 9.63 -19.38
N THR A 211 1.84 8.69 -18.63
CA THR A 211 0.98 8.99 -17.50
C THR A 211 1.49 8.30 -16.25
N CYS A 212 1.35 8.98 -15.11
CA CYS A 212 1.73 8.44 -13.81
C CYS A 212 0.72 8.90 -12.78
N THR A 213 0.25 7.97 -11.95
CA THR A 213 -0.79 8.25 -10.98
C THR A 213 -0.26 8.78 -9.65
N GLY A 214 1.05 8.70 -9.41
CA GLY A 214 1.56 8.77 -8.06
C GLY A 214 1.36 7.44 -7.34
N PHE A 215 2.11 7.28 -6.24
CA PHE A 215 2.23 5.97 -5.63
C PHE A 215 1.76 5.90 -4.17
N ASP A 216 1.29 7.00 -3.59
CA ASP A 216 0.93 6.98 -2.18
C ASP A 216 -0.37 6.23 -1.95
N ARG A 217 -0.39 5.41 -0.90
CA ARG A 217 -1.59 4.77 -0.38
C ARG A 217 -1.77 5.31 1.04
N PRO A 218 -2.46 6.43 1.21
CA PRO A 218 -2.43 7.11 2.52
C PRO A 218 -3.07 6.33 3.66
N ASN A 219 -3.87 5.31 3.36
CA ASN A 219 -4.54 4.53 4.38
C ASN A 219 -3.71 3.33 4.84
N LEU A 220 -2.46 3.23 4.41
CA LEU A 220 -1.57 2.13 4.79
C LEU A 220 -0.55 2.65 5.78
N TYR A 221 -0.72 2.30 7.05
CA TYR A 221 0.27 2.60 8.08
C TYR A 221 1.43 1.61 7.95
N LEU A 222 2.65 2.12 8.02
CA LEU A 222 3.86 1.33 7.78
C LEU A 222 4.65 1.19 9.08
N GLU A 223 5.08 -0.03 9.38
CA GLU A 223 5.87 -0.26 10.58
C GLU A 223 6.87 -1.38 10.32
N VAL A 224 8.03 -1.29 10.97
CA VAL A 224 9.10 -2.27 10.86
C VAL A 224 9.52 -2.68 12.26
N ARG A 225 9.54 -3.99 12.53
CA ARG A 225 9.96 -4.53 13.81
C ARG A 225 11.04 -5.59 13.60
N ARG A 226 11.94 -5.70 14.58
CA ARG A 226 12.91 -6.78 14.58
C ARG A 226 12.26 -8.07 15.07
N LYS A 227 12.71 -9.19 14.52
CA LYS A 227 12.24 -10.49 14.98
C LYS A 227 12.73 -10.75 16.39
N THR A 228 11.94 -11.53 17.14
CA THR A 228 12.23 -11.80 18.55
C THR A 228 12.90 -13.15 18.77
N GLY A 229 12.88 -14.04 17.79
CA GLY A 229 13.51 -15.34 17.96
C GLY A 229 12.61 -16.50 17.60
N ASN A 230 11.33 -16.42 17.96
CA ASN A 230 10.38 -17.48 17.65
C ASN A 230 9.12 -16.89 17.03
N ILE A 231 8.45 -17.72 16.21
CA ILE A 231 7.36 -17.24 15.36
C ILE A 231 6.19 -16.76 16.21
N LEU A 232 5.82 -17.51 17.24
CA LEU A 232 4.64 -17.17 18.02
C LEU A 232 4.83 -15.85 18.75
N GLN A 233 6.02 -15.59 19.28
CA GLN A 233 6.28 -14.32 19.95
C GLN A 233 6.21 -13.16 18.98
N ASP A 234 6.58 -13.39 17.71
CA ASP A 234 6.51 -12.33 16.71
C ASP A 234 5.07 -12.02 16.34
N LEU A 235 4.20 -13.03 16.30
CA LEU A 235 2.86 -12.89 15.73
C LEU A 235 1.78 -12.62 16.75
N GLN A 236 1.96 -13.06 18.00
CA GLN A 236 0.93 -12.88 19.04
C GLN A 236 0.54 -11.43 19.27
N PRO A 237 1.46 -10.45 19.16
CA PRO A 237 1.03 -9.05 19.24
C PRO A 237 -0.02 -8.65 18.21
N PHE A 238 -0.13 -9.37 17.10
CA PHE A 238 -1.13 -9.09 16.08
C PHE A 238 -2.46 -9.79 16.33
N LEU A 239 -2.60 -10.50 17.45
CA LEU A 239 -3.77 -11.30 17.72
C LEU A 239 -4.56 -10.72 18.89
N VAL A 240 -5.86 -11.04 18.92
CA VAL A 240 -6.75 -10.65 20.00
C VAL A 240 -7.39 -11.91 20.58
N LYS A 241 -7.50 -11.95 21.90
CA LYS A 241 -8.07 -13.09 22.62
C LYS A 241 -9.54 -12.80 22.90
N THR A 242 -10.41 -13.24 21.98
CA THR A 242 -11.85 -13.07 22.13
C THR A 242 -12.42 -14.31 22.77
N SER A 243 -13.21 -14.13 23.83
CA SER A 243 -13.72 -15.22 24.66
C SER A 243 -12.51 -15.98 25.20
N SER A 244 -12.37 -17.28 24.94
CA SER A 244 -11.16 -18.00 25.31
C SER A 244 -10.52 -18.63 24.07
N HIS A 245 -10.41 -17.85 23.00
CA HIS A 245 -9.76 -18.31 21.78
C HIS A 245 -9.11 -17.12 21.09
N TRP A 246 -8.19 -17.42 20.19
CA TRP A 246 -7.40 -16.39 19.52
C TRP A 246 -7.98 -16.05 18.15
N GLU A 247 -7.76 -14.81 17.73
CA GLU A 247 -8.24 -14.30 16.45
C GLU A 247 -7.31 -13.21 15.96
N PHE A 248 -7.22 -13.08 14.64
CA PHE A 248 -6.59 -11.92 14.06
C PHE A 248 -7.49 -10.70 14.24
N GLU A 249 -6.88 -9.52 14.32
CA GLU A 249 -7.67 -8.29 14.42
C GLU A 249 -8.54 -8.09 13.19
N GLY A 250 -8.07 -8.52 12.02
CA GLY A 250 -8.83 -8.45 10.80
C GLY A 250 -8.21 -9.34 9.73
N PRO A 251 -8.77 -9.31 8.53
CA PRO A 251 -8.19 -10.11 7.43
C PRO A 251 -6.73 -9.75 7.20
N THR A 252 -5.90 -10.77 7.09
CA THR A 252 -4.45 -10.61 7.14
C THR A 252 -3.79 -11.45 6.06
N ILE A 253 -2.77 -10.87 5.42
CA ILE A 253 -1.86 -11.62 4.55
C ILE A 253 -0.50 -11.63 5.21
N ILE A 254 0.11 -12.82 5.28
CA ILE A 254 1.46 -12.98 5.77
C ILE A 254 2.33 -13.42 4.60
N TYR A 255 3.26 -12.58 4.19
CA TYR A 255 4.16 -12.89 3.08
C TYR A 255 5.41 -13.56 3.63
N CYS A 256 5.72 -14.75 3.11
CA CYS A 256 6.91 -15.48 3.50
C CYS A 256 7.85 -15.62 2.31
N PRO A 257 9.16 -15.63 2.53
CA PRO A 257 10.10 -15.72 1.40
C PRO A 257 10.20 -17.11 0.79
N SER A 258 9.66 -18.14 1.43
CA SER A 258 9.84 -19.50 0.93
C SER A 258 8.68 -20.37 1.37
N ARG A 259 8.52 -21.51 0.68
CA ARG A 259 7.49 -22.47 1.06
C ARG A 259 7.79 -23.08 2.43
N LYS A 260 9.08 -23.27 2.75
CA LYS A 260 9.45 -23.85 4.03
C LYS A 260 9.01 -22.97 5.18
N MET A 261 9.30 -21.67 5.10
CA MET A 261 8.87 -20.75 6.14
C MET A 261 7.35 -20.63 6.17
N THR A 262 6.68 -20.79 5.03
CA THR A 262 5.23 -20.82 5.00
C THR A 262 4.70 -21.94 5.88
N GLN A 263 5.28 -23.14 5.75
CA GLN A 263 4.81 -24.27 6.55
C GLN A 263 5.07 -24.05 8.04
N GLN A 264 6.22 -23.44 8.38
CA GLN A 264 6.52 -23.19 9.78
C GLN A 264 5.54 -22.22 10.40
N VAL A 265 5.23 -21.13 9.69
CA VAL A 265 4.27 -20.15 10.20
C VAL A 265 2.89 -20.78 10.31
N THR A 266 2.50 -21.57 9.31
CA THR A 266 1.22 -22.27 9.38
C THR A 266 1.17 -23.18 10.60
N GLY A 267 2.22 -23.96 10.82
CA GLY A 267 2.25 -24.87 11.96
C GLY A 267 2.14 -24.16 13.29
N GLU A 268 2.67 -22.94 13.39
CA GLU A 268 2.59 -22.20 14.65
C GLU A 268 1.20 -21.59 14.85
N LEU A 269 0.59 -21.07 13.77
CA LEU A 269 -0.74 -20.50 13.88
C LEU A 269 -1.79 -21.57 14.19
N ARG A 270 -1.57 -22.80 13.70
CA ARG A 270 -2.50 -23.89 14.01
C ARG A 270 -2.47 -24.22 15.49
N LYS A 271 -1.36 -23.93 16.18
CA LYS A 271 -1.29 -24.14 17.62
C LYS A 271 -2.33 -23.30 18.36
N LEU A 272 -2.67 -22.14 17.81
CA LEU A 272 -3.67 -21.26 18.38
C LEU A 272 -5.05 -21.43 17.73
N ASN A 273 -5.21 -22.47 16.90
CA ASN A 273 -6.45 -22.75 16.19
C ASN A 273 -6.90 -21.56 15.34
N LEU A 274 -5.95 -20.92 14.68
CA LEU A 274 -6.26 -19.82 13.78
C LEU A 274 -6.61 -20.37 12.40
N SER A 275 -7.63 -19.79 11.78
CA SER A 275 -8.10 -20.22 10.46
C SER A 275 -7.18 -19.65 9.40
N CYS A 276 -6.39 -20.51 8.75
CA CYS A 276 -5.36 -20.05 7.84
C CYS A 276 -5.45 -20.79 6.51
N GLY A 277 -4.92 -20.15 5.48
CA GLY A 277 -4.74 -20.79 4.19
C GLY A 277 -3.43 -20.36 3.58
N THR A 278 -2.91 -21.20 2.69
CA THR A 278 -1.65 -20.94 2.00
C THR A 278 -1.92 -20.56 0.55
N TYR A 279 -0.94 -19.88 -0.05
CA TYR A 279 -1.08 -19.41 -1.43
C TYR A 279 0.30 -19.42 -2.07
N HIS A 280 0.49 -20.27 -3.08
CA HIS A 280 1.78 -20.43 -3.75
C HIS A 280 1.60 -20.41 -5.25
N ALA A 281 2.71 -20.25 -5.95
CA ALA A 281 2.72 -20.39 -7.39
C ALA A 281 2.52 -21.85 -7.78
N GLY A 282 1.98 -22.06 -8.97
CA GLY A 282 1.75 -23.41 -9.44
C GLY A 282 0.48 -24.05 -8.93
N MET A 283 -0.33 -23.34 -8.16
CA MET A 283 -1.61 -23.86 -7.71
C MET A 283 -2.59 -23.94 -8.87
N SER A 284 -3.47 -24.93 -8.80
CA SER A 284 -4.44 -25.14 -9.87
C SER A 284 -5.47 -24.01 -9.89
N PHE A 285 -6.19 -23.90 -11.01
CA PHE A 285 -7.26 -22.93 -11.13
C PHE A 285 -8.34 -23.16 -10.08
N SER A 286 -8.65 -24.43 -9.80
CA SER A 286 -9.64 -24.74 -8.78
C SER A 286 -9.16 -24.37 -7.39
N THR A 287 -7.86 -24.56 -7.12
CA THR A 287 -7.31 -24.21 -5.81
C THR A 287 -7.37 -22.70 -5.58
N ARG A 288 -6.93 -21.93 -6.57
CA ARG A 288 -6.98 -20.47 -6.46
C ARG A 288 -8.42 -19.97 -6.33
N LYS A 289 -9.34 -20.59 -7.06
CA LYS A 289 -10.75 -20.20 -6.94
C LYS A 289 -11.27 -20.45 -5.54
N ASP A 290 -10.88 -21.56 -4.93
CA ASP A 290 -11.37 -21.89 -3.59
C ASP A 290 -10.78 -20.97 -2.54
N ILE A 291 -9.50 -20.61 -2.69
CA ILE A 291 -8.87 -19.70 -1.73
C ILE A 291 -9.54 -18.33 -1.80
N HIS A 292 -9.77 -17.82 -3.01
CA HIS A 292 -10.47 -16.55 -3.17
C HIS A 292 -11.83 -16.59 -2.51
N HIS A 293 -12.56 -17.70 -2.70
CA HIS A 293 -13.87 -17.85 -2.09
C HIS A 293 -13.79 -17.74 -0.57
N ARG A 294 -12.89 -18.52 0.05
CA ARG A 294 -12.81 -18.55 1.51
C ARG A 294 -12.29 -17.23 2.07
N PHE A 295 -11.34 -16.60 1.38
CA PHE A 295 -10.75 -15.37 1.91
C PHE A 295 -11.75 -14.22 1.81
N VAL A 296 -12.38 -14.05 0.66
CA VAL A 296 -13.34 -12.95 0.47
C VAL A 296 -14.48 -13.07 1.48
N ARG A 297 -14.99 -14.27 1.68
CA ARG A 297 -16.13 -14.51 2.56
C ARG A 297 -15.74 -14.66 4.02
N ASP A 298 -14.48 -14.41 4.36
CA ASP A 298 -13.99 -14.46 5.75
C ASP A 298 -14.15 -15.83 6.37
N GLU A 299 -14.04 -16.89 5.57
CA GLU A 299 -14.02 -18.24 6.08
C GLU A 299 -12.62 -18.67 6.52
N ILE A 300 -11.59 -18.04 5.96
CA ILE A 300 -10.25 -18.04 6.53
C ILE A 300 -9.93 -16.59 6.89
N GLN A 301 -9.22 -16.40 8.00
CA GLN A 301 -8.87 -15.06 8.44
C GLN A 301 -7.52 -14.61 7.91
N CYS A 302 -6.62 -15.55 7.60
CA CYS A 302 -5.27 -15.24 7.19
C CYS A 302 -4.88 -16.09 5.99
N VAL A 303 -4.19 -15.47 5.04
CA VAL A 303 -3.55 -16.17 3.94
C VAL A 303 -2.05 -16.00 4.09
N ILE A 304 -1.33 -17.12 4.05
CA ILE A 304 0.13 -17.12 4.12
C ILE A 304 0.65 -17.35 2.70
N ALA A 305 1.22 -16.32 2.11
CA ALA A 305 1.50 -16.30 0.68
C ALA A 305 2.98 -16.16 0.40
N THR A 306 3.41 -16.78 -0.71
CA THR A 306 4.73 -16.56 -1.27
C THR A 306 4.68 -15.81 -2.60
N ILE A 307 3.48 -15.55 -3.13
CA ILE A 307 3.30 -14.75 -4.34
C ILE A 307 2.37 -13.58 -4.01
N ALA A 308 2.44 -12.55 -4.85
CA ALA A 308 1.77 -11.28 -4.58
C ALA A 308 0.70 -10.93 -5.61
N PHE A 309 0.22 -11.92 -6.37
CA PHE A 309 -0.81 -11.67 -7.37
C PHE A 309 -1.72 -12.88 -7.45
N GLY A 310 -2.91 -12.65 -8.00
CA GLY A 310 -3.84 -13.73 -8.28
C GLY A 310 -5.12 -13.60 -7.47
N MET A 311 -6.09 -14.45 -7.84
CA MET A 311 -7.39 -14.47 -7.19
C MET A 311 -7.27 -14.58 -5.68
N GLY A 312 -6.37 -15.46 -5.21
CA GLY A 312 -6.38 -15.87 -3.81
C GLY A 312 -6.30 -14.72 -2.83
N ILE A 313 -5.58 -13.67 -3.18
CA ILE A 313 -5.40 -12.53 -2.30
C ILE A 313 -6.08 -11.27 -2.88
N ASN A 314 -7.01 -11.45 -3.81
CA ASN A 314 -7.81 -10.36 -4.36
C ASN A 314 -9.00 -10.15 -3.41
N LYS A 315 -8.80 -9.30 -2.41
CA LYS A 315 -9.81 -9.04 -1.38
C LYS A 315 -9.81 -7.56 -1.05
N ALA A 316 -10.99 -7.02 -0.80
CA ALA A 316 -11.14 -5.57 -0.65
C ALA A 316 -10.80 -5.07 0.75
N ASP A 317 -11.09 -5.85 1.79
CA ASP A 317 -10.93 -5.35 3.15
C ASP A 317 -9.82 -6.08 3.90
N ILE A 318 -8.64 -6.15 3.31
CA ILE A 318 -7.47 -6.68 4.01
C ILE A 318 -6.94 -5.60 4.94
N ARG A 319 -6.98 -5.88 6.24
CA ARG A 319 -6.63 -4.88 7.24
C ARG A 319 -5.16 -4.91 7.67
N GLN A 320 -4.46 -6.02 7.39
CA GLN A 320 -3.12 -6.18 7.93
C GLN A 320 -2.26 -6.98 6.95
N VAL A 321 -1.11 -6.43 6.60
CA VAL A 321 -0.08 -7.14 5.85
C VAL A 321 1.11 -7.34 6.77
N ILE A 322 1.62 -8.56 6.81
CA ILE A 322 2.82 -8.89 7.58
C ILE A 322 3.83 -9.51 6.64
N HIS A 323 4.99 -8.88 6.52
CA HIS A 323 6.14 -9.48 5.86
C HIS A 323 6.95 -10.20 6.93
N TYR A 324 6.90 -11.53 6.93
CA TYR A 324 7.70 -12.31 7.87
C TYR A 324 9.03 -12.60 7.19
N GLY A 325 9.99 -11.72 7.43
CA GLY A 325 11.26 -11.73 6.74
C GLY A 325 11.40 -10.52 5.84
N ALA A 326 12.64 -10.09 5.66
CA ALA A 326 12.91 -8.93 4.82
C ALA A 326 12.37 -9.16 3.41
N PRO A 327 11.75 -8.15 2.80
CA PRO A 327 11.25 -8.33 1.43
C PRO A 327 12.39 -8.47 0.44
N LYS A 328 12.04 -8.99 -0.74
CA LYS A 328 13.06 -9.20 -1.77
C LYS A 328 13.63 -7.88 -2.26
N ASP A 329 12.76 -6.95 -2.65
CA ASP A 329 13.19 -5.63 -3.11
C ASP A 329 12.07 -4.64 -2.87
N MET A 330 12.32 -3.38 -3.25
CA MET A 330 11.31 -2.33 -3.05
C MET A 330 10.09 -2.55 -3.94
N GLU A 331 10.29 -3.06 -5.16
CA GLU A 331 9.17 -3.27 -6.06
C GLU A 331 8.25 -4.38 -5.57
N SER A 332 8.83 -5.51 -5.16
CA SER A 332 8.03 -6.58 -4.58
C SER A 332 7.31 -6.09 -3.33
N TYR A 333 8.04 -5.39 -2.46
CA TYR A 333 7.47 -4.87 -1.22
C TYR A 333 6.25 -4.00 -1.48
N TYR A 334 6.36 -3.07 -2.44
CA TYR A 334 5.26 -2.16 -2.72
C TYR A 334 4.05 -2.91 -3.27
N GLN A 335 4.27 -3.80 -4.23
CA GLN A 335 3.17 -4.61 -4.75
C GLN A 335 2.54 -5.45 -3.65
N GLU A 336 3.37 -5.97 -2.74
CA GLU A 336 2.86 -6.88 -1.71
C GLU A 336 2.01 -6.14 -0.68
N ILE A 337 2.46 -4.98 -0.21
CA ILE A 337 1.64 -4.20 0.70
C ILE A 337 0.46 -3.57 -0.03
N GLY A 338 0.55 -3.41 -1.34
CA GLY A 338 -0.53 -2.82 -2.11
C GLY A 338 -1.80 -3.64 -2.14
N ARG A 339 -1.75 -4.90 -1.68
CA ARG A 339 -2.96 -5.72 -1.61
C ARG A 339 -3.87 -5.32 -0.47
N ALA A 340 -3.36 -4.58 0.51
CA ALA A 340 -4.16 -4.19 1.67
C ALA A 340 -4.89 -2.88 1.41
N GLY A 341 -5.94 -2.65 2.21
CA GLY A 341 -6.64 -1.38 2.22
C GLY A 341 -7.25 -0.95 0.90
N ARG A 342 -7.58 -1.90 0.03
N ARG A 342 -7.59 -1.90 0.02
CA ARG A 342 -8.21 -1.60 -1.26
CA ARG A 342 -8.19 -1.53 -1.26
C ARG A 342 -9.66 -1.17 -1.14
C ARG A 342 -9.62 -1.05 -1.12
N ASP A 343 -10.19 -1.10 0.09
CA ASP A 343 -11.53 -0.56 0.33
C ASP A 343 -11.48 0.87 0.85
N GLY A 344 -10.30 1.45 0.99
CA GLY A 344 -10.15 2.79 1.51
C GLY A 344 -10.08 2.89 3.01
N LEU A 345 -10.27 1.80 3.74
CA LEU A 345 -10.22 1.84 5.19
C LEU A 345 -8.76 1.74 5.66
N GLN A 346 -8.54 2.17 6.90
N GLN A 346 -8.54 2.17 6.90
CA GLN A 346 -7.20 2.17 7.46
CA GLN A 346 -7.19 2.18 7.45
C GLN A 346 -6.68 0.74 7.60
C GLN A 346 -6.67 0.76 7.62
N SER A 347 -5.47 0.52 7.11
CA SER A 347 -4.81 -0.78 7.22
C SER A 347 -3.38 -0.56 7.69
N SER A 348 -2.76 -1.65 8.16
CA SER A 348 -1.40 -1.62 8.67
C SER A 348 -0.54 -2.61 7.90
N CYS A 349 0.72 -2.25 7.71
CA CYS A 349 1.69 -3.10 7.01
C CYS A 349 2.96 -3.17 7.85
N HIS A 350 3.24 -4.35 8.40
CA HIS A 350 4.38 -4.56 9.29
C HIS A 350 5.40 -5.47 8.62
N VAL A 351 6.67 -5.09 8.70
CA VAL A 351 7.77 -5.95 8.31
C VAL A 351 8.46 -6.43 9.57
N LEU A 352 8.55 -7.76 9.73
CA LEU A 352 9.36 -8.37 10.77
C LEU A 352 10.63 -8.90 10.13
N TRP A 353 11.78 -8.45 10.61
CA TRP A 353 13.03 -8.72 9.91
C TRP A 353 14.17 -8.94 10.90
N ALA A 354 15.23 -9.55 10.39
CA ALA A 354 16.49 -9.72 11.10
C ALA A 354 17.60 -9.67 10.06
N PRO A 355 18.80 -9.21 10.43
CA PRO A 355 19.88 -9.11 9.44
C PRO A 355 20.23 -10.42 8.76
N ALA A 356 19.93 -11.55 9.38
CA ALA A 356 20.26 -12.84 8.81
C ALA A 356 19.23 -13.32 7.80
N ASP A 357 18.19 -12.53 7.52
CA ASP A 357 17.13 -12.97 6.62
C ASP A 357 17.69 -13.26 5.23
N ILE A 358 17.05 -14.20 4.54
CA ILE A 358 17.57 -14.70 3.26
C ILE A 358 17.66 -13.60 2.21
N ASN A 359 16.71 -12.65 2.22
CA ASN A 359 16.75 -11.58 1.25
C ASN A 359 17.82 -10.53 1.56
N LEU A 360 18.45 -10.59 2.74
CA LEU A 360 19.57 -9.74 3.08
C LEU A 360 20.88 -10.54 3.15
N ASN A 361 20.92 -11.73 2.57
CA ASN A 361 22.08 -12.60 2.63
C ASN A 361 22.96 -12.35 1.40
N ARG A 362 24.11 -11.72 1.62
CA ARG A 362 25.07 -11.50 0.55
C ARG A 362 25.92 -12.73 0.23
N HIS A 363 25.71 -13.83 0.95
CA HIS A 363 26.51 -15.03 0.71
C HIS A 363 26.13 -15.71 -0.60
N LEU A 364 24.85 -15.68 -0.96
CA LEU A 364 24.31 -16.52 -2.02
C LEU A 364 24.19 -15.79 -3.35
N LEU A 365 24.99 -14.75 -3.58
CA LEU A 365 25.02 -14.09 -4.89
C LEU A 365 26.44 -13.82 -5.36
N THR A 366 27.45 -14.39 -4.72
CA THR A 366 28.82 -14.29 -5.23
C THR A 366 28.96 -14.95 -6.59
N GLU A 367 28.07 -15.89 -6.93
CA GLU A 367 28.19 -16.63 -8.18
C GLU A 367 27.15 -16.17 -9.21
N ILE A 368 27.24 -14.92 -9.64
CA ILE A 368 26.50 -14.42 -10.79
C ILE A 368 27.46 -13.65 -11.67
N ARG A 369 27.49 -13.99 -12.96
CA ARG A 369 28.57 -13.54 -13.83
C ARG A 369 28.45 -12.07 -14.24
N ASN A 370 27.23 -11.56 -14.37
CA ASN A 370 27.06 -10.20 -14.88
C ASN A 370 27.56 -9.18 -13.86
N GLU A 371 28.34 -8.20 -14.36
CA GLU A 371 28.97 -7.21 -13.48
C GLU A 371 27.95 -6.19 -12.99
N LYS A 372 27.20 -5.57 -13.90
CA LYS A 372 26.22 -4.58 -13.49
C LYS A 372 25.07 -5.20 -12.71
N PHE A 373 24.76 -6.48 -12.96
CA PHE A 373 23.66 -7.14 -12.27
C PHE A 373 24.02 -7.45 -10.82
N ARG A 374 25.23 -7.94 -10.58
CA ARG A 374 25.65 -8.23 -9.21
C ARG A 374 25.73 -6.96 -8.38
N LEU A 375 26.17 -5.85 -8.99
CA LEU A 375 26.21 -4.58 -8.28
C LEU A 375 24.80 -4.06 -7.99
N TYR A 376 23.87 -4.28 -8.92
CA TYR A 376 22.49 -3.88 -8.72
C TYR A 376 21.88 -4.59 -7.52
N LYS A 377 22.09 -5.92 -7.44
CA LYS A 377 21.54 -6.69 -6.33
C LYS A 377 22.14 -6.27 -5.00
N LEU A 378 23.44 -5.93 -4.98
CA LEU A 378 24.07 -5.45 -3.76
C LEU A 378 23.48 -4.11 -3.33
N LYS A 379 23.25 -3.21 -4.29
CA LYS A 379 22.66 -1.92 -3.95
C LYS A 379 21.20 -2.07 -3.53
N MET A 380 20.47 -3.03 -4.12
CA MET A 380 19.09 -3.26 -3.72
C MET A 380 19.00 -3.79 -2.30
N MET A 381 19.82 -4.79 -1.98
CA MET A 381 19.82 -5.34 -0.62
C MET A 381 20.31 -4.32 0.38
N ALA A 382 21.24 -3.44 -0.01
CA ALA A 382 21.65 -2.36 0.87
C ALA A 382 20.55 -1.31 1.01
N LYS A 383 19.82 -1.03 -0.07
CA LYS A 383 18.70 -0.12 0.03
C LYS A 383 17.60 -0.69 0.90
N MET A 384 17.31 -1.99 0.75
CA MET A 384 16.30 -2.63 1.59
C MET A 384 16.70 -2.58 3.05
N GLU A 385 17.95 -2.93 3.36
CA GLU A 385 18.41 -2.90 4.74
C GLU A 385 18.43 -1.48 5.30
N LYS A 386 18.76 -0.50 4.45
CA LYS A 386 18.75 0.90 4.89
C LYS A 386 17.33 1.34 5.24
N TYR A 387 16.34 0.96 4.42
CA TYR A 387 14.96 1.27 4.74
C TYR A 387 14.52 0.64 6.05
N LEU A 388 14.87 -0.64 6.25
CA LEU A 388 14.43 -1.36 7.44
C LEU A 388 15.06 -0.76 8.71
N HIS A 389 16.32 -0.36 8.64
CA HIS A 389 17.00 0.18 9.80
C HIS A 389 16.76 1.67 9.99
N SER A 390 16.10 2.33 9.05
CA SER A 390 15.99 3.77 9.07
C SER A 390 15.10 4.25 10.21
N SER A 391 15.42 5.45 10.70
CA SER A 391 14.60 6.14 11.70
C SER A 391 13.80 7.28 11.10
N ARG A 392 13.93 7.53 9.80
CA ARG A 392 13.18 8.57 9.13
C ARG A 392 11.86 8.01 8.60
N CYS A 393 11.09 8.85 7.91
CA CYS A 393 9.76 8.47 7.48
C CYS A 393 9.82 7.34 6.46
N ARG A 394 9.13 6.23 6.77
CA ARG A 394 9.08 5.10 5.86
C ARG A 394 8.41 5.49 4.54
N ARG A 395 7.34 6.27 4.62
CA ARG A 395 6.58 6.61 3.43
C ARG A 395 7.40 7.47 2.47
N GLN A 396 8.17 8.43 3.01
CA GLN A 396 9.00 9.28 2.16
C GLN A 396 10.06 8.46 1.42
N ILE A 397 10.63 7.46 2.09
CA ILE A 397 11.64 6.63 1.44
C ILE A 397 11.03 5.83 0.29
N ILE A 398 9.83 5.29 0.51
CA ILE A 398 9.19 4.47 -0.52
C ILE A 398 8.79 5.33 -1.71
N LEU A 399 8.17 6.48 -1.45
CA LEU A 399 7.74 7.36 -2.53
C LEU A 399 8.92 7.91 -3.32
N SER A 400 10.08 8.05 -2.68
CA SER A 400 11.26 8.53 -3.40
C SER A 400 11.76 7.50 -4.41
N HIS A 401 11.66 6.21 -4.06
CA HIS A 401 12.17 5.17 -4.95
C HIS A 401 11.32 5.07 -6.22
N PHE A 402 10.02 5.25 -6.10
CA PHE A 402 9.12 5.08 -7.25
C PHE A 402 8.96 6.37 -8.05
N GLU A 403 9.18 7.53 -7.46
CA GLU A 403 9.22 8.76 -8.22
C GLU A 403 10.58 9.01 -8.85
N ASP A 404 11.57 8.16 -8.57
CA ASP A 404 12.94 8.32 -9.06
C ASP A 404 13.51 9.69 -8.71
N LYS A 405 13.11 10.23 -7.56
CA LYS A 405 13.56 11.53 -7.11
C LYS A 405 13.28 11.64 -5.62
N GLN A 406 14.00 12.54 -4.95
CA GLN A 406 13.79 12.76 -3.53
C GLN A 406 12.47 13.47 -3.31
N VAL A 407 11.56 12.84 -2.56
CA VAL A 407 10.24 13.38 -2.30
C VAL A 407 10.26 14.17 -1.00
N GLN A 408 9.60 15.32 -1.00
CA GLN A 408 9.52 16.18 0.17
C GLN A 408 8.38 15.71 1.08
N LYS A 409 8.62 15.77 2.40
CA LYS A 409 7.60 15.36 3.36
C LYS A 409 6.39 16.27 3.35
N ALA A 410 6.51 17.48 2.82
CA ALA A 410 5.41 18.43 2.77
C ALA A 410 4.53 18.25 1.54
N SER A 411 4.76 17.21 0.73
CA SER A 411 4.00 17.04 -0.49
C SER A 411 2.63 16.41 -0.23
N LEU A 412 2.56 15.48 0.72
CA LEU A 412 1.32 14.79 1.06
C LEU A 412 0.92 15.10 2.50
N GLY A 413 -0.38 15.26 2.73
CA GLY A 413 -0.91 15.55 4.04
C GLY A 413 -0.89 14.40 5.03
N ILE A 414 -0.53 13.20 4.59
CA ILE A 414 -0.47 12.05 5.49
C ILE A 414 0.86 11.96 6.22
N MET A 415 1.96 12.35 5.58
CA MET A 415 3.27 12.25 6.22
C MET A 415 3.31 13.13 7.46
N GLY A 416 4.12 12.70 8.43
CA GLY A 416 4.25 13.41 9.69
C GLY A 416 3.14 13.19 10.69
N THR A 417 2.10 12.45 10.32
CA THR A 417 0.98 12.17 11.20
C THR A 417 1.11 10.78 11.81
N GLU A 418 0.26 10.50 12.81
CA GLU A 418 0.35 9.24 13.53
C GLU A 418 -0.10 8.05 12.69
N LYS A 419 -0.85 8.28 11.62
CA LYS A 419 -1.28 7.22 10.72
C LYS A 419 -0.33 6.99 9.57
N CYS A 420 0.80 7.72 9.53
CA CYS A 420 1.73 7.58 8.42
C CYS A 420 2.61 6.35 8.56
N CYS A 421 3.52 6.38 9.53
CA CYS A 421 4.44 5.27 9.75
C CYS A 421 4.90 5.28 11.20
N ASP A 422 5.69 4.28 11.56
CA ASP A 422 6.11 4.16 12.96
C ASP A 422 7.11 5.25 13.34
N ASN A 423 7.98 5.65 12.41
CA ASN A 423 8.96 6.69 12.72
C ASN A 423 8.30 8.06 12.83
N CYS A 424 7.25 8.32 12.06
CA CYS A 424 6.48 9.54 12.26
C CYS A 424 5.70 9.50 13.55
N ARG A 425 5.11 8.34 13.88
CA ARG A 425 4.32 8.20 15.10
C ARG A 425 5.19 8.36 16.35
N SER A 426 6.45 7.94 16.29
CA SER A 426 7.35 8.14 17.43
C SER A 426 7.60 9.61 17.69
N ARG A 427 7.61 10.43 16.64
CA ARG A 427 7.88 11.86 16.80
C ARG A 427 6.68 12.59 17.41
N LEU A 428 5.46 12.11 17.15
CA LEU A 428 4.29 12.73 17.75
C LEU A 428 4.12 12.34 19.22
N ASP A 429 4.62 11.16 19.60
CA ASP A 429 4.55 10.73 21.00
C ASP A 429 5.63 11.39 21.85
N HIS A 430 6.79 11.67 21.27
CA HIS A 430 7.89 12.32 21.99
C HIS A 430 8.65 13.16 20.97
N CYS A 431 8.38 14.45 20.95
CA CYS A 431 8.83 15.29 19.84
C CYS A 431 10.33 15.56 19.90
N TYR A 432 10.87 15.94 18.75
CA TYR A 432 12.28 16.27 18.60
C TYR A 432 12.43 17.09 17.32
N SER A 433 13.49 17.90 17.29
CA SER A 433 13.81 18.71 16.13
C SER A 433 14.84 18.02 15.25
N MET A 434 14.84 18.38 13.97
CA MET A 434 15.74 17.77 13.01
C MET A 434 16.86 18.73 12.61
N ASP A 439 11.64 28.51 13.02
CA ASP A 439 10.63 28.45 14.07
C ASP A 439 10.09 27.04 14.23
N THR A 440 9.90 26.61 15.47
CA THR A 440 9.42 25.27 15.78
C THR A 440 7.90 25.31 15.93
N SER A 441 7.21 24.78 14.92
CA SER A 441 5.74 24.68 14.93
C SER A 441 5.38 23.20 14.93
N TRP A 442 4.95 22.69 16.08
CA TRP A 442 4.70 21.27 16.26
C TRP A 442 3.32 21.05 16.84
N ASP A 443 2.78 19.86 16.58
CA ASP A 443 1.48 19.45 17.10
C ASP A 443 1.67 18.82 18.47
N PHE A 444 1.26 19.54 19.52
CA PHE A 444 1.31 19.05 20.88
C PHE A 444 -0.03 18.48 21.34
N GLY A 445 -0.92 18.18 20.40
CA GLY A 445 -2.23 17.63 20.70
C GLY A 445 -2.23 16.44 21.66
N PRO A 446 -1.42 15.42 21.35
CA PRO A 446 -1.35 14.26 22.27
C PRO A 446 -0.95 14.63 23.69
N GLN A 447 0.10 15.46 23.84
CA GLN A 447 0.51 15.86 25.18
C GLN A 447 -0.52 16.79 25.82
N ALA A 448 -1.07 17.72 25.04
CA ALA A 448 -2.08 18.62 25.58
C ALA A 448 -3.32 17.86 26.04
N PHE A 449 -3.67 16.79 25.32
CA PHE A 449 -4.82 15.99 25.73
C PHE A 449 -4.56 15.31 27.07
N LYS A 450 -3.32 14.87 27.31
CA LYS A 450 -3.00 14.27 28.60
C LYS A 450 -3.07 15.32 29.72
N LEU A 451 -2.50 16.50 29.49
CA LEU A 451 -2.45 17.51 30.54
C LEU A 451 -3.83 18.11 30.79
N LEU A 452 -4.51 18.55 29.74
CA LEU A 452 -5.82 19.19 29.92
C LEU A 452 -6.84 18.23 30.51
N SER A 453 -6.73 16.93 30.18
CA SER A 453 -7.61 15.95 30.79
C SER A 453 -7.30 15.80 32.28
N ALA A 454 -6.02 15.67 32.62
CA ALA A 454 -5.63 15.52 34.02
C ALA A 454 -6.09 16.71 34.86
N VAL A 455 -6.11 17.91 34.28
CA VAL A 455 -6.62 19.08 35.00
C VAL A 455 -8.12 18.93 35.24
N ASP A 456 -8.86 18.46 34.23
CA ASP A 456 -10.30 18.30 34.37
C ASP A 456 -10.67 17.07 35.19
N ILE A 457 -9.87 16.00 35.11
CA ILE A 457 -10.14 14.79 35.89
C ILE A 457 -10.06 15.09 37.37
N LEU A 458 -9.02 15.82 37.78
CA LEU A 458 -8.81 16.14 39.19
C LEU A 458 -9.75 17.24 39.69
N GLY A 459 -10.62 17.76 38.83
CA GLY A 459 -11.67 18.66 39.26
C GLY A 459 -11.35 20.14 39.18
N GLU A 460 -10.19 20.52 38.65
CA GLU A 460 -9.75 21.91 38.61
C GLU A 460 -9.78 22.52 40.01
N LYS A 461 -9.35 21.72 40.99
CA LYS A 461 -9.33 22.14 42.39
C LYS A 461 -7.94 22.27 42.98
N PHE A 462 -6.90 21.88 42.23
CA PHE A 462 -5.53 21.98 42.67
C PHE A 462 -4.73 22.81 41.68
N GLY A 463 -3.47 23.08 42.04
CA GLY A 463 -2.53 23.66 41.13
C GLY A 463 -2.09 22.64 40.09
N ILE A 464 -1.24 23.10 39.17
CA ILE A 464 -0.79 22.23 38.08
C ILE A 464 0.06 21.07 38.59
N GLY A 465 0.52 21.14 39.83
CA GLY A 465 1.45 20.12 40.33
C GLY A 465 0.83 18.74 40.42
N LEU A 466 -0.39 18.66 40.97
CA LEU A 466 -1.04 17.36 41.11
C LEU A 466 -1.33 16.68 39.77
N PRO A 467 -1.81 17.37 38.73
CA PRO A 467 -1.91 16.71 37.43
C PRO A 467 -0.58 16.19 36.90
N ILE A 468 0.51 16.91 37.16
CA ILE A 468 1.82 16.46 36.67
C ILE A 468 2.23 15.17 37.36
N LEU A 469 2.06 15.10 38.69
CA LEU A 469 2.32 13.87 39.42
C LEU A 469 1.44 12.73 38.90
N PHE A 470 0.19 13.05 38.56
CA PHE A 470 -0.71 12.05 38.01
C PHE A 470 -0.17 11.48 36.71
N LEU A 471 0.31 12.35 35.82
CA LEU A 471 0.78 11.89 34.51
C LEU A 471 2.10 11.14 34.62
N ARG A 472 2.91 11.41 35.64
CA ARG A 472 4.20 10.76 35.78
C ARG A 472 4.17 9.55 36.70
N GLY A 473 2.98 9.11 37.12
CA GLY A 473 2.85 7.92 37.93
C GLY A 473 3.52 8.02 39.28
N SER A 474 3.29 9.13 39.96
CA SER A 474 3.92 9.35 41.26
C SER A 474 3.27 8.48 42.33
N ASN A 475 4.08 8.04 43.28
CA ASN A 475 3.61 7.33 44.45
C ASN A 475 3.19 8.27 45.59
N SER A 476 3.05 9.55 45.29
CA SER A 476 2.79 10.55 46.32
C SER A 476 1.43 10.31 46.97
N GLN A 477 1.33 10.68 48.25
CA GLN A 477 0.09 10.56 49.00
C GLN A 477 -0.88 11.70 48.73
N ARG A 478 -0.44 12.75 48.03
CA ARG A 478 -1.36 13.80 47.61
C ARG A 478 -2.41 13.29 46.65
N LEU A 479 -2.14 12.21 45.94
CA LEU A 479 -3.03 11.68 44.91
C LEU A 479 -3.85 10.53 45.50
N ALA A 480 -5.18 10.66 45.47
CA ALA A 480 -6.04 9.61 45.96
C ALA A 480 -5.94 8.37 45.08
N ASP A 481 -5.93 7.20 45.71
CA ASP A 481 -5.74 5.95 44.99
C ASP A 481 -6.87 5.68 44.00
N GLN A 482 -8.00 6.37 44.13
CA GLN A 482 -9.06 6.24 43.14
C GLN A 482 -8.63 6.76 41.78
N TYR A 483 -7.66 7.68 41.75
CA TYR A 483 -7.15 8.20 40.49
C TYR A 483 -6.09 7.32 39.85
N ARG A 484 -5.47 6.43 40.62
CA ARG A 484 -4.45 5.55 40.07
C ARG A 484 -5.03 4.45 39.19
N ARG A 485 -6.34 4.24 39.22
CA ARG A 485 -6.99 3.30 38.32
C ARG A 485 -7.17 3.85 36.92
N HIS A 486 -6.97 5.15 36.73
CA HIS A 486 -7.32 5.81 35.49
C HIS A 486 -6.38 5.39 34.36
N SER A 487 -6.86 5.58 33.12
CA SER A 487 -6.10 5.18 31.95
C SER A 487 -4.84 6.03 31.78
N LEU A 488 -4.92 7.31 32.15
CA LEU A 488 -3.82 8.24 31.87
C LEU A 488 -2.72 8.20 32.93
N PHE A 489 -2.98 7.59 34.09
CA PHE A 489 -2.00 7.56 35.18
C PHE A 489 -0.69 6.92 34.72
N GLY A 490 0.37 7.71 34.68
CA GLY A 490 1.69 7.21 34.31
C GLY A 490 2.02 7.32 32.84
N THR A 491 1.11 7.83 32.01
CA THR A 491 1.34 7.94 30.58
C THR A 491 2.15 9.16 30.19
N GLY A 492 2.70 9.90 31.16
CA GLY A 492 3.50 11.07 30.85
C GLY A 492 4.92 10.97 31.36
N LYS A 493 5.32 9.76 31.78
CA LYS A 493 6.68 9.56 32.27
C LYS A 493 7.72 9.82 31.20
N ASP A 494 7.32 9.90 29.92
CA ASP A 494 8.25 10.23 28.85
C ASP A 494 8.86 11.62 29.00
N GLN A 495 8.19 12.50 29.73
CA GLN A 495 8.64 13.88 29.89
C GLN A 495 8.88 14.19 31.36
N THR A 496 9.89 15.02 31.61
CA THR A 496 10.25 15.39 32.97
C THR A 496 9.20 16.31 33.57
N GLU A 497 9.28 16.49 34.89
CA GLU A 497 8.36 17.40 35.58
C GLU A 497 8.50 18.83 35.05
N SER A 498 9.74 19.28 34.86
CA SER A 498 9.96 20.63 34.33
C SER A 498 9.41 20.78 32.92
N TRP A 499 9.43 19.70 32.13
CA TRP A 499 8.85 19.75 30.80
C TRP A 499 7.35 19.98 30.88
N TRP A 500 6.65 19.18 31.70
CA TRP A 500 5.21 19.36 31.87
C TRP A 500 4.89 20.73 32.43
N LYS A 501 5.73 21.22 33.36
CA LYS A 501 5.55 22.57 33.89
C LYS A 501 5.72 23.61 32.80
N ALA A 502 6.78 23.51 32.01
CA ALA A 502 7.00 24.45 30.92
C ALA A 502 5.91 24.33 29.86
N PHE A 503 5.45 23.10 29.59
CA PHE A 503 4.40 22.91 28.61
C PHE A 503 3.09 23.55 29.08
N SER A 504 2.84 23.53 30.39
CA SER A 504 1.64 24.17 30.93
C SER A 504 1.71 25.68 30.81
N ARG A 505 2.92 26.26 30.93
CA ARG A 505 3.07 27.70 30.74
C ARG A 505 2.76 28.11 29.30
N GLN A 506 3.04 27.24 28.33
CA GLN A 506 2.68 27.53 26.95
C GLN A 506 1.18 27.39 26.72
N LEU A 507 0.50 26.52 27.49
CA LEU A 507 -0.94 26.43 27.40
C LEU A 507 -1.63 27.61 28.08
N ILE A 508 -0.97 28.22 29.07
CA ILE A 508 -1.50 29.44 29.67
C ILE A 508 -1.31 30.62 28.72
N THR A 509 -0.13 30.71 28.10
CA THR A 509 0.13 31.79 27.15
C THR A 509 -0.79 31.70 25.94
N GLU A 510 -0.94 30.49 25.38
CA GLU A 510 -1.82 30.32 24.23
C GLU A 510 -3.28 30.56 24.62
N GLY A 511 -3.67 30.23 25.85
CA GLY A 511 -5.00 30.53 26.32
C GLY A 511 -5.88 29.33 26.56
N PHE A 512 -5.28 28.19 26.91
CA PHE A 512 -6.05 26.99 27.22
C PHE A 512 -6.19 26.75 28.72
N LEU A 513 -5.33 27.35 29.54
CA LEU A 513 -5.40 27.23 30.98
C LEU A 513 -5.21 28.60 31.61
N VAL A 514 -5.67 28.73 32.86
CA VAL A 514 -5.46 29.95 33.65
C VAL A 514 -5.28 29.55 35.10
N GLU A 515 -4.45 30.32 35.80
CA GLU A 515 -4.32 30.20 37.24
C GLU A 515 -5.26 31.21 37.90
N VAL A 516 -5.98 30.75 38.94
CA VAL A 516 -7.07 31.52 39.53
C VAL A 516 -7.07 31.29 41.03
N SER A 517 -7.31 32.36 41.79
CA SER A 517 -7.49 32.30 43.23
C SER A 517 -8.80 33.01 43.59
N ARG A 518 -9.63 32.34 44.39
CA ARG A 518 -10.89 32.93 44.82
C ARG A 518 -10.72 33.63 46.17
N TYR A 519 -11.70 33.50 47.06
CA TYR A 519 -11.62 34.20 48.34
C TYR A 519 -10.45 33.72 49.17
N ASN A 520 -10.12 32.44 49.09
CA ASN A 520 -8.98 31.88 49.81
C ASN A 520 -7.73 32.15 48.99
N LYS A 521 -7.02 33.22 49.34
CA LYS A 521 -5.81 33.58 48.61
C LYS A 521 -4.64 32.64 48.88
N PHE A 522 -4.78 31.73 49.84
CA PHE A 522 -3.76 30.72 50.11
C PHE A 522 -3.95 29.46 49.28
N MET A 523 -4.78 29.52 48.25
CA MET A 523 -5.02 28.38 47.37
C MET A 523 -5.10 28.88 45.93
N LYS A 524 -4.14 28.46 45.10
CA LYS A 524 -4.11 28.81 43.70
C LYS A 524 -4.38 27.55 42.88
N ILE A 525 -5.40 27.61 42.03
CA ILE A 525 -5.81 26.46 41.22
C ILE A 525 -5.51 26.76 39.75
N CYS A 526 -5.33 25.69 38.99
CA CYS A 526 -5.14 25.77 37.54
C CYS A 526 -6.39 25.22 36.87
N ALA A 527 -7.05 26.06 36.08
CA ALA A 527 -8.34 25.71 35.49
C ALA A 527 -8.30 25.88 33.98
N LEU A 528 -9.16 25.12 33.31
CA LEU A 528 -9.34 25.27 31.88
C LEU A 528 -10.08 26.57 31.56
N THR A 529 -9.73 27.16 30.42
CA THR A 529 -10.41 28.35 29.94
C THR A 529 -11.63 27.93 29.13
N LYS A 530 -12.29 28.90 28.49
CA LYS A 530 -13.33 28.56 27.52
C LYS A 530 -12.72 27.83 26.33
N LYS A 531 -11.67 28.40 25.74
CA LYS A 531 -10.95 27.74 24.66
C LYS A 531 -10.40 26.39 25.11
N GLY A 532 -9.96 26.30 26.36
CA GLY A 532 -9.48 25.02 26.86
C GLY A 532 -10.60 24.00 26.97
N ARG A 533 -11.74 24.40 27.55
CA ARG A 533 -12.86 23.48 27.68
C ARG A 533 -13.43 23.10 26.31
N ASN A 534 -13.44 24.05 25.37
CA ASN A 534 -13.94 23.77 24.04
C ASN A 534 -13.03 22.79 23.30
N TRP A 535 -11.70 22.98 23.42
CA TRP A 535 -10.77 22.07 22.76
C TRP A 535 -10.89 20.66 23.34
N LEU A 536 -10.98 20.55 24.66
CA LEU A 536 -11.05 19.23 25.28
C LEU A 536 -12.34 18.52 24.95
N HIS A 537 -13.42 19.27 24.70
CA HIS A 537 -14.68 18.64 24.30
C HIS A 537 -14.54 17.96 22.95
N LYS A 538 -13.90 18.64 21.99
CA LYS A 538 -13.68 18.05 20.67
C LYS A 538 -12.65 16.92 20.74
N ALA A 539 -11.65 17.05 21.61
CA ALA A 539 -10.62 16.03 21.74
C ALA A 539 -11.14 14.78 22.44
N ASN A 540 -12.23 14.88 23.21
CA ASN A 540 -12.79 13.71 23.85
C ASN A 540 -13.36 12.73 22.84
N THR A 541 -13.89 13.23 21.72
CA THR A 541 -14.57 12.41 20.75
C THR A 541 -13.84 12.30 19.42
N GLU A 542 -12.80 13.10 19.21
CA GLU A 542 -11.99 13.04 17.99
C GLU A 542 -10.55 13.37 18.35
N SER A 543 -9.63 12.76 17.61
CA SER A 543 -8.21 13.08 17.78
C SER A 543 -7.95 14.49 17.29
N GLN A 544 -7.59 15.39 18.22
CA GLN A 544 -7.45 16.81 17.93
C GLN A 544 -5.98 17.20 17.93
N SER A 545 -5.68 18.29 17.21
CA SER A 545 -4.33 18.82 17.12
C SER A 545 -4.25 20.17 17.82
N LEU A 546 -3.02 20.55 18.19
CA LEU A 546 -2.77 21.81 18.87
C LEU A 546 -1.37 22.25 18.50
N ILE A 547 -1.26 23.24 17.62
CA ILE A 547 0.00 23.72 17.09
C ILE A 547 0.54 24.80 18.02
N LEU A 548 1.86 24.82 18.20
CA LEU A 548 2.50 25.68 19.19
C LEU A 548 3.80 26.24 18.65
N GLN A 549 4.20 27.39 19.19
CA GLN A 549 5.54 27.93 18.99
C GLN A 549 6.38 27.50 20.19
N ALA A 550 7.35 26.62 19.93
CA ALA A 550 8.02 25.87 20.98
C ALA A 550 9.43 26.41 21.23
N ASN A 551 10.09 25.79 22.20
CA ASN A 551 11.49 26.01 22.49
C ASN A 551 12.19 24.65 22.47
N GLU A 552 13.51 24.66 22.27
CA GLU A 552 14.27 23.41 22.29
C GLU A 552 14.14 22.67 23.62
N GLU A 553 13.62 23.33 24.66
CA GLU A 553 13.24 22.60 25.88
C GLU A 553 12.11 21.64 25.60
N LEU A 554 11.16 22.02 24.75
CA LEU A 554 10.00 21.17 24.48
C LEU A 554 10.33 20.07 23.48
N CYS A 555 10.94 20.43 22.34
CA CYS A 555 11.32 19.46 21.31
C CYS A 555 12.81 19.62 21.03
N PRO A 556 13.66 18.87 21.74
CA PRO A 556 15.10 19.04 21.57
C PRO A 556 15.61 18.44 20.27
N LYS A 557 16.72 18.98 19.78
CA LYS A 557 17.33 18.51 18.55
C LYS A 557 18.13 17.23 18.77
PB ADP B . -4.40 -3.59 -9.57
O1B ADP B . -4.56 -5.09 -9.64
O2B ADP B . -3.49 -3.11 -8.45
O3B ADP B . -4.14 -2.93 -10.91
PA ADP B . -7.18 -3.50 -9.92
O1A ADP B . -7.00 -3.20 -11.39
O2A ADP B . -7.54 -4.88 -9.45
O3A ADP B . -5.85 -3.05 -9.14
O5' ADP B . -8.25 -2.46 -9.31
C5' ADP B . -8.33 -2.29 -7.90
C4' ADP B . -9.77 -1.99 -7.52
O4' ADP B . -10.17 -0.71 -8.02
C3' ADP B . -10.72 -3.02 -8.11
O3' ADP B . -11.38 -3.71 -7.05
C2' ADP B . -11.73 -2.24 -8.92
O2' ADP B . -13.07 -2.67 -8.63
C1' ADP B . -11.52 -0.79 -8.48
N9 ADP B . -11.74 0.14 -9.62
C8 ADP B . -11.20 0.05 -10.84
N7 ADP B . -11.63 1.06 -11.64
C5 ADP B . -12.49 1.81 -10.93
C6 ADP B . -13.32 3.02 -11.16
N6 ADP B . -13.32 3.65 -12.36
N1 ADP B . -14.09 3.46 -10.14
C2 ADP B . -14.10 2.84 -8.94
N3 ADP B . -13.38 1.74 -8.67
C4 ADP B . -12.57 1.19 -9.60
ZN ZN C . 5.96 8.67 7.98
ZN ZN D . -9.14 13.56 -27.82
#